data_3NOH
#
_entry.id   3NOH
#
_cell.length_a   62.963
_cell.length_b   62.963
_cell.length_c   52.978
_cell.angle_alpha   90.000
_cell.angle_beta   90.000
_cell.angle_gamma   120.000
#
_symmetry.space_group_name_H-M   'P 31 2 1'
#
loop_
_entity.id
_entity.type
_entity.pdbx_description
1 polymer 'putative peptide binding protein'
2 non-polymer GLYCEROL
3 non-polymer 'SULFATE ION'
4 water water
#
_entity_poly.entity_id   1
_entity_poly.type   'polypeptide(L)'
_entity_poly.pdbx_seq_one_letter_code
;GVTGATPKAKKAAQSSAQLEGSYIFC(MSE)NPLLDKLSDEDIREQLKAFVTGKTDSIRTDTELSFDIYVSETDYALIRY
ADSLCERLNDAGADVQIKQYSGT(MSE)LRSRAVSGKYEAFLSESDLVSTDALENADYIILDSAE(MSE)R
;
_entity_poly.pdbx_strand_id   A
#
loop_
_chem_comp.id
_chem_comp.type
_chem_comp.name
_chem_comp.formula
GOL non-polymer GLYCEROL 'C3 H8 O3'
SO4 non-polymer 'SULFATE ION' 'O4 S -2'
#
# COMPACT_ATOMS: atom_id res chain seq x y z
N SER A 16 10.43 -17.13 -5.95
CA SER A 16 9.79 -18.47 -5.77
C SER A 16 8.59 -18.49 -4.77
N ALA A 17 8.65 -17.68 -3.71
CA ALA A 17 7.47 -17.48 -2.84
C ALA A 17 6.33 -16.90 -3.70
N GLN A 18 5.08 -17.31 -3.45
CA GLN A 18 3.92 -16.84 -4.24
C GLN A 18 2.89 -16.17 -3.33
N LEU A 19 2.07 -15.27 -3.88
CA LEU A 19 0.99 -14.60 -3.13
C LEU A 19 -0.07 -15.65 -2.82
N GLU A 20 -0.58 -15.62 -1.60
CA GLU A 20 -1.60 -16.54 -1.15
C GLU A 20 -2.48 -15.89 -0.08
N GLY A 21 -3.79 -16.11 -0.15
CA GLY A 21 -4.70 -15.58 0.87
C GLY A 21 -5.03 -14.12 0.61
N SER A 22 -5.37 -13.42 1.71
CA SER A 22 -5.81 -12.03 1.68
C SER A 22 -4.68 -11.12 2.02
N TYR A 23 -4.67 -9.97 1.35
CA TYR A 23 -3.74 -8.93 1.60
C TYR A 23 -4.54 -7.67 1.77
N ILE A 24 -3.84 -6.70 2.35
CA ILE A 24 -4.39 -5.37 2.39
C ILE A 24 -3.50 -4.32 1.79
N PHE A 25 -4.17 -3.36 1.12
CA PHE A 25 -3.58 -2.12 0.71
C PHE A 25 -4.16 -1.06 1.60
N CYS A 26 -3.30 -0.38 2.37
CA CYS A 26 -3.76 0.45 3.48
C CYS A 26 -3.13 1.85 3.33
N MSE A 27 -3.97 2.89 3.45
CA MSE A 27 -3.54 4.29 3.34
C MSE A 27 -3.83 5.00 4.63
O MSE A 27 -4.87 4.77 5.26
CB MSE A 27 -4.30 4.99 2.18
CG MSE A 27 -3.94 4.43 0.82
SE MSE A 27 -5.14 5.01 -0.53
CE MSE A 27 -6.59 3.81 -0.03
N ASN A 28 -2.96 5.91 5.01
CA ASN A 28 -3.14 6.80 6.15
C ASN A 28 -3.98 8.02 5.72
N PRO A 29 -5.28 8.06 6.09
CA PRO A 29 -6.15 9.13 5.59
C PRO A 29 -5.94 10.50 6.24
N LEU A 30 -5.15 10.54 7.30
CA LEU A 30 -4.84 11.77 7.99
C LEU A 30 -3.64 12.48 7.34
N LEU A 31 -2.91 11.78 6.48
CA LEU A 31 -1.81 12.39 5.71
CA LEU A 31 -1.84 12.42 5.73
C LEU A 31 -2.39 13.35 4.68
N ASP A 32 -1.98 14.64 4.75
CA ASP A 32 -2.49 15.66 3.88
C ASP A 32 -2.59 15.20 2.44
N LYS A 33 -1.55 14.57 1.95
CA LYS A 33 -1.53 14.19 0.55
C LYS A 33 -2.42 13.05 0.14
N LEU A 34 -2.88 12.28 1.11
CA LEU A 34 -3.83 11.22 0.84
C LEU A 34 -5.17 11.50 1.53
N SER A 35 -5.44 12.75 1.91
CA SER A 35 -6.62 13.09 2.68
C SER A 35 -7.89 13.27 1.88
N ASP A 36 -7.77 13.36 0.55
CA ASP A 36 -8.91 13.45 -0.35
C ASP A 36 -9.53 12.05 -0.60
N GLU A 37 -10.78 11.85 -0.19
CA GLU A 37 -11.41 10.53 -0.34
C GLU A 37 -11.45 10.01 -1.80
N ASP A 38 -11.73 10.88 -2.76
CA ASP A 38 -11.76 10.52 -4.18
C ASP A 38 -10.42 9.98 -4.68
N ILE A 39 -9.29 10.59 -4.25
CA ILE A 39 -7.99 10.10 -4.63
C ILE A 39 -7.76 8.73 -4.02
N ARG A 40 -8.13 8.57 -2.75
CA ARG A 40 -8.00 7.27 -2.13
C ARG A 40 -8.87 6.20 -2.82
N GLU A 41 -10.08 6.57 -3.21
CA GLU A 41 -10.96 5.65 -3.97
C GLU A 41 -10.35 5.34 -5.33
N GLN A 42 -9.77 6.35 -5.99
CA GLN A 42 -9.10 6.07 -7.27
C GLN A 42 -7.98 5.08 -7.08
N LEU A 43 -7.19 5.26 -6.02
CA LEU A 43 -6.09 4.31 -5.72
C LEU A 43 -6.57 2.89 -5.45
N LYS A 44 -7.67 2.75 -4.71
CA LYS A 44 -8.24 1.44 -4.50
C LYS A 44 -8.59 0.78 -5.83
N ALA A 45 -9.29 1.54 -6.68
CA ALA A 45 -9.70 1.05 -7.99
C ALA A 45 -8.47 0.69 -8.82
N PHE A 46 -7.41 1.48 -8.71
CA PHE A 46 -6.22 1.21 -9.50
C PHE A 46 -5.56 -0.09 -9.07
N VAL A 47 -5.42 -0.24 -7.75
CA VAL A 47 -4.77 -1.42 -7.23
C VAL A 47 -5.53 -2.72 -7.56
N THR A 48 -6.87 -2.67 -7.63
CA THR A 48 -7.68 -3.85 -7.99
C THR A 48 -7.87 -4.05 -9.49
N GLY A 49 -7.20 -3.24 -10.32
CA GLY A 49 -7.34 -3.35 -11.78
C GLY A 49 -8.61 -2.77 -12.39
N LYS A 50 -9.48 -2.14 -11.60
CA LYS A 50 -10.71 -1.53 -12.14
C LYS A 50 -10.41 -0.29 -12.99
N THR A 51 -9.23 0.32 -12.82
CA THR A 51 -8.77 1.44 -13.64
C THR A 51 -7.26 1.34 -13.85
N ASP A 52 -6.76 1.92 -14.94
CA ASP A 52 -5.29 2.04 -15.09
C ASP A 52 -4.89 3.53 -15.22
N SER A 53 -5.76 4.40 -14.69
CA SER A 53 -5.60 5.84 -14.74
CA SER A 53 -5.54 5.84 -14.72
C SER A 53 -5.64 6.42 -13.32
N ILE A 54 -4.85 7.45 -13.06
CA ILE A 54 -4.92 8.23 -11.82
C ILE A 54 -5.09 9.70 -12.27
N ARG A 55 -6.28 10.24 -12.05
CA ARG A 55 -6.65 11.59 -12.47
C ARG A 55 -6.48 12.48 -11.26
N THR A 56 -5.51 13.39 -11.35
CA THR A 56 -5.11 14.25 -10.24
CA THR A 56 -5.16 14.25 -10.22
C THR A 56 -4.92 15.71 -10.68
N ASP A 57 -5.20 16.68 -9.81
CA ASP A 57 -5.02 18.11 -10.01
C ASP A 57 -3.52 18.47 -10.04
N THR A 58 -2.84 17.83 -9.11
CA THR A 58 -1.43 17.97 -8.94
C THR A 58 -0.86 16.57 -8.68
N GLU A 59 0.43 16.50 -8.69
CA GLU A 59 1.13 15.23 -8.73
C GLU A 59 0.82 14.38 -7.50
N LEU A 60 0.71 13.07 -7.71
CA LEU A 60 0.51 12.18 -6.63
C LEU A 60 1.81 11.47 -6.36
N SER A 61 2.34 11.61 -5.16
CA SER A 61 3.59 10.98 -4.84
C SER A 61 3.50 10.46 -3.43
N PHE A 62 3.84 9.18 -3.21
CA PHE A 62 3.74 8.57 -1.88
C PHE A 62 4.52 7.28 -1.85
N ASP A 63 4.86 6.85 -0.65
CA ASP A 63 5.59 5.61 -0.47
C ASP A 63 4.64 4.50 -0.06
N ILE A 64 4.98 3.28 -0.45
CA ILE A 64 4.31 2.09 0.01
C ILE A 64 5.30 1.22 0.77
N TYR A 65 5.05 0.95 2.04
CA TYR A 65 5.89 0.06 2.84
C TYR A 65 5.46 -1.40 2.70
N VAL A 66 6.42 -2.30 2.82
CA VAL A 66 6.19 -3.73 2.69
CA VAL A 66 6.16 -3.73 2.73
C VAL A 66 7.15 -4.45 3.63
N SER A 67 6.74 -5.60 4.18
CA SER A 67 7.67 -6.35 5.00
C SER A 67 8.74 -7.04 4.13
N GLU A 68 9.99 -6.88 4.55
CA GLU A 68 11.14 -7.39 3.81
C GLU A 68 11.24 -8.93 3.77
N THR A 69 10.46 -9.63 4.62
CA THR A 69 10.41 -11.06 4.57
C THR A 69 9.21 -11.64 3.85
N ASP A 70 8.38 -10.78 3.27
CA ASP A 70 7.28 -11.24 2.45
C ASP A 70 7.73 -11.12 0.99
N TYR A 71 8.46 -12.12 0.53
CA TYR A 71 9.15 -11.98 -0.76
C TYR A 71 8.21 -11.86 -1.94
N ALA A 72 7.11 -12.62 -1.90
CA ALA A 72 6.12 -12.56 -2.94
C ALA A 72 5.47 -11.19 -2.97
N LEU A 73 5.16 -10.63 -1.81
CA LEU A 73 4.56 -9.28 -1.74
C LEU A 73 5.51 -8.17 -2.20
N ILE A 74 6.81 -8.33 -1.94
CA ILE A 74 7.76 -7.33 -2.46
CA ILE A 74 7.83 -7.42 -2.47
C ILE A 74 7.74 -7.39 -4.00
N ARG A 75 7.74 -8.59 -4.59
CA ARG A 75 7.66 -8.77 -6.06
CA ARG A 75 7.69 -8.72 -6.04
C ARG A 75 6.42 -8.06 -6.60
N TYR A 76 5.27 -8.32 -5.96
CA TYR A 76 3.96 -7.70 -6.31
C TYR A 76 4.05 -6.16 -6.20
N ALA A 77 4.64 -5.69 -5.10
CA ALA A 77 4.75 -4.26 -4.81
C ALA A 77 5.62 -3.56 -5.87
N ASP A 78 6.72 -4.20 -6.22
CA ASP A 78 7.65 -3.61 -7.20
C ASP A 78 6.92 -3.45 -8.57
N SER A 79 6.12 -4.46 -8.92
CA SER A 79 5.34 -4.44 -10.17
C SER A 79 4.26 -3.34 -10.14
N LEU A 80 3.57 -3.24 -9.01
CA LEU A 80 2.54 -2.22 -8.78
C LEU A 80 3.15 -0.83 -8.90
N CYS A 81 4.36 -0.69 -8.34
CA CYS A 81 5.12 0.57 -8.44
C CYS A 81 5.35 0.98 -9.90
N GLU A 82 5.77 0.03 -10.73
CA GLU A 82 5.90 0.27 -12.14
C GLU A 82 4.57 0.75 -12.79
N ARG A 83 3.47 0.09 -12.44
CA ARG A 83 2.19 0.49 -13.03
CA ARG A 83 2.14 0.47 -12.95
C ARG A 83 1.77 1.88 -12.53
N LEU A 84 1.96 2.16 -11.23
CA LEU A 84 1.62 3.47 -10.71
C LEU A 84 2.45 4.57 -11.36
N ASN A 85 3.76 4.33 -11.54
CA ASN A 85 4.57 5.36 -12.17
CA ASN A 85 4.66 5.31 -12.16
C ASN A 85 4.31 5.51 -13.66
N ASP A 86 3.93 4.42 -14.31
CA ASP A 86 3.48 4.51 -15.70
C ASP A 86 2.23 5.40 -15.84
N ALA A 87 1.42 5.42 -14.77
CA ALA A 87 0.18 6.21 -14.72
C ALA A 87 0.43 7.65 -14.24
N GLY A 88 1.71 8.00 -14.02
CA GLY A 88 2.10 9.39 -13.79
C GLY A 88 2.23 9.70 -12.30
N ALA A 89 2.05 8.69 -11.45
CA ALA A 89 2.29 8.82 -10.02
C ALA A 89 3.82 8.74 -9.81
N ASP A 90 4.32 9.19 -8.66
CA ASP A 90 5.73 8.97 -8.32
C ASP A 90 5.75 8.23 -7.00
N VAL A 91 5.63 6.92 -7.11
CA VAL A 91 5.57 6.06 -5.94
C VAL A 91 6.89 5.30 -5.79
N GLN A 92 7.28 5.11 -4.53
CA GLN A 92 8.42 4.27 -4.13
C GLN A 92 7.92 3.16 -3.22
N ILE A 93 8.54 1.99 -3.31
CA ILE A 93 8.35 0.89 -2.38
C ILE A 93 9.61 0.91 -1.43
N LYS A 94 9.32 0.79 -0.13
CA LYS A 94 10.34 0.75 0.94
CA LYS A 94 10.34 0.77 0.91
C LYS A 94 10.04 -0.40 1.85
N GLN A 95 10.99 -1.31 1.94
CA GLN A 95 10.84 -2.51 2.77
C GLN A 95 11.46 -2.24 4.15
N TYR A 96 10.82 -2.85 5.13
CA TYR A 96 11.23 -2.84 6.53
C TYR A 96 10.98 -4.22 7.13
N SER A 97 11.54 -4.49 8.30
CA SER A 97 11.08 -5.69 8.99
C SER A 97 9.57 -5.62 9.22
N GLY A 98 8.90 -6.77 9.30
CA GLY A 98 7.50 -6.75 9.61
C GLY A 98 7.17 -6.13 10.95
N THR A 99 8.04 -6.32 11.94
CA THR A 99 7.84 -5.70 13.24
C THR A 99 7.91 -4.19 13.12
N MSE A 100 8.84 -3.66 12.32
CA MSE A 100 8.89 -2.24 12.10
CA MSE A 100 8.88 -2.21 12.13
C MSE A 100 7.63 -1.72 11.39
O MSE A 100 7.08 -0.66 11.77
CB MSE A 100 10.18 -1.82 11.34
CB MSE A 100 10.17 -1.71 11.45
CG MSE A 100 10.24 -0.35 11.03
CG MSE A 100 10.22 -0.20 11.24
SE MSE A 100 10.38 0.76 12.57
SE MSE A 100 12.02 0.43 10.85
CE MSE A 100 12.07 0.15 13.21
CE MSE A 100 12.50 1.01 12.62
N LEU A 101 7.15 -2.49 10.40
CA LEU A 101 5.93 -2.10 9.70
CA LEU A 101 5.93 -2.12 9.68
C LEU A 101 4.75 -2.05 10.68
N ARG A 102 4.61 -3.07 11.54
CA ARG A 102 3.60 -3.06 12.57
C ARG A 102 3.66 -1.87 13.42
N SER A 103 4.87 -1.51 13.87
CA SER A 103 5.02 -0.37 14.75
CA SER A 103 4.95 -0.38 14.78
CA SER A 103 5.07 -0.34 14.73
C SER A 103 4.65 0.95 14.06
N ARG A 104 5.10 1.10 12.81
CA ARG A 104 4.78 2.32 12.03
CA ARG A 104 4.79 2.33 12.06
C ARG A 104 3.30 2.43 11.75
N ALA A 105 2.65 1.27 11.50
CA ALA A 105 1.19 1.30 11.26
C ALA A 105 0.45 1.82 12.47
N VAL A 106 0.89 1.38 13.66
CA VAL A 106 0.24 1.79 14.90
C VAL A 106 0.46 3.30 15.17
N SER A 107 1.70 3.77 14.94
CA SER A 107 2.00 5.17 15.23
C SER A 107 1.50 6.13 14.14
N GLY A 108 1.06 5.62 13.01
CA GLY A 108 0.73 6.47 11.84
C GLY A 108 1.94 7.05 11.11
N LYS A 109 3.14 6.51 11.35
CA LYS A 109 4.32 7.00 10.66
CA LYS A 109 4.37 6.94 10.68
C LYS A 109 4.50 6.22 9.36
N TYR A 110 3.48 6.37 8.49
CA TYR A 110 3.49 5.74 7.19
C TYR A 110 2.56 6.53 6.28
N GLU A 111 2.67 6.28 4.97
CA GLU A 111 1.78 6.87 3.98
C GLU A 111 0.84 5.78 3.51
N ALA A 112 1.40 4.74 2.92
CA ALA A 112 0.63 3.54 2.51
C ALA A 112 1.45 2.29 2.80
N PHE A 113 0.79 1.14 2.93
CA PHE A 113 1.49 -0.11 3.00
C PHE A 113 0.72 -1.23 2.36
N LEU A 114 1.44 -2.30 2.06
CA LEU A 114 0.87 -3.58 1.63
C LEU A 114 1.24 -4.63 2.64
N SER A 115 0.33 -5.51 2.99
CA SER A 115 0.71 -6.61 3.87
C SER A 115 -0.24 -7.77 3.73
N GLU A 116 0.23 -8.94 4.16
CA GLU A 116 -0.67 -10.04 4.48
C GLU A 116 -1.72 -9.47 5.44
N SER A 117 -2.96 -9.90 5.29
CA SER A 117 -4.06 -9.27 6.00
C SER A 117 -3.90 -9.32 7.53
N ASP A 118 -3.23 -10.38 8.02
CA ASP A 118 -3.06 -10.59 9.47
C ASP A 118 -1.73 -10.08 10.03
N LEU A 119 -0.99 -9.30 9.28
CA LEU A 119 0.28 -8.84 9.80
C LEU A 119 0.09 -7.75 10.90
N VAL A 120 -0.71 -6.74 10.59
CA VAL A 120 -0.82 -5.51 11.38
C VAL A 120 -1.98 -5.55 12.36
N SER A 121 -1.79 -4.85 13.49
CA SER A 121 -2.75 -4.71 14.53
CA SER A 121 -2.79 -4.86 14.50
C SER A 121 -4.13 -4.32 14.01
N THR A 122 -5.17 -5.01 14.45
CA THR A 122 -6.53 -4.69 14.04
C THR A 122 -6.90 -3.24 14.46
N ASP A 123 -6.40 -2.81 15.64
CA ASP A 123 -6.55 -1.42 16.09
C ASP A 123 -5.95 -0.42 15.12
N ALA A 124 -4.74 -0.69 14.61
CA ALA A 124 -4.11 0.16 13.65
C ALA A 124 -4.97 0.26 12.37
N LEU A 125 -5.53 -0.87 11.94
CA LEU A 125 -6.35 -0.86 10.68
C LEU A 125 -7.63 -0.05 10.80
N GLU A 126 -8.20 -0.02 12.00
CA GLU A 126 -9.42 0.75 12.24
C GLU A 126 -9.19 2.27 12.12
N ASN A 127 -7.96 2.71 12.26
CA ASN A 127 -7.64 4.13 12.09
C ASN A 127 -7.38 4.56 10.64
N ALA A 128 -7.32 3.58 9.77
CA ALA A 128 -6.81 3.71 8.42
C ALA A 128 -7.91 3.57 7.37
N ASP A 129 -7.53 3.67 6.10
CA ASP A 129 -8.44 3.47 4.97
C ASP A 129 -7.82 2.37 4.12
N TYR A 130 -8.45 1.19 4.13
CA TYR A 130 -7.86 0.08 3.40
C TYR A 130 -8.84 -0.73 2.56
N ILE A 131 -8.25 -1.55 1.69
CA ILE A 131 -8.97 -2.49 0.85
C ILE A 131 -8.32 -3.88 0.94
N ILE A 132 -9.16 -4.91 1.01
CA ILE A 132 -8.72 -6.31 0.98
C ILE A 132 -8.58 -6.73 -0.46
N LEU A 133 -7.41 -7.31 -0.74
CA LEU A 133 -7.01 -7.79 -2.05
C LEU A 133 -6.89 -9.29 -1.94
N ASP A 134 -7.35 -10.00 -2.97
CA ASP A 134 -7.23 -11.43 -3.04
C ASP A 134 -6.06 -11.83 -3.94
N SER A 135 -5.29 -12.83 -3.50
CA SER A 135 -4.11 -13.27 -4.19
C SER A 135 -4.36 -13.66 -5.64
N ALA A 136 -5.52 -14.25 -5.90
CA ALA A 136 -5.84 -14.72 -7.22
C ALA A 136 -6.13 -13.59 -8.19
N GLU A 137 -6.45 -12.38 -7.72
CA GLU A 137 -6.74 -11.25 -8.59
CA GLU A 137 -6.70 -11.29 -8.65
C GLU A 137 -5.54 -10.31 -8.68
N MSE A 138 -4.53 -10.58 -7.85
CA MSE A 138 -3.27 -9.84 -7.83
C MSE A 138 -2.31 -10.52 -8.81
O MSE A 138 -1.40 -9.86 -9.30
CB MSE A 138 -2.65 -9.86 -6.43
CG MSE A 138 -3.45 -9.14 -5.34
SE MSE A 138 -2.95 -9.65 -3.54
CE MSE A 138 -1.32 -8.67 -3.32
C1 GOL B . -4.17 -7.88 15.98
O1 GOL B . -4.90 -6.88 16.62
C2 GOL B . -3.02 -8.26 16.90
O2 GOL B . -3.03 -9.66 17.20
C3 GOL B . -1.74 -7.85 16.23
O3 GOL B . -1.18 -6.75 16.91
S SO4 C . 3.92 -16.54 -8.77
O1 SO4 C . 3.46 -16.19 -10.11
O2 SO4 C . 4.97 -17.56 -8.85
O3 SO4 C . 4.50 -15.38 -8.14
O4 SO4 C . 2.80 -17.05 -7.99
#